data_9ENG
#
_entry.id   9ENG
#
_cell.length_a   60.604
_cell.length_b   60.604
_cell.length_c   287.228
_cell.angle_alpha   90.00
_cell.angle_beta   90.00
_cell.angle_gamma   120.00
#
_symmetry.space_group_name_H-M   'P 61 2 2'
#
loop_
_entity.id
_entity.type
_entity.pdbx_description
1 polymer 'UDP-2,3-diacylglucosamine hydrolase'
2 non-polymer 'MANGANESE (II) ION'
3 non-polymer ~{N}-[4-[4-[3,5-bis(chloranyl)phenyl]piperazin-1-yl]sulfonylphenyl]-3-(methylsulfonylamino)benzamide
4 water water
#
_entity_poly.entity_id   1
_entity_poly.type   'polypeptide(L)'
_entity_poly.pdbx_seq_one_letter_code
;MATLFIADLHLQTEEPEITAGFLRFLQGEARQADALYILGDLFEAWIGDDDPNPLHQQIASAIKAVVDAGVPCYFIHGNR
DFLVGQRFARQSGMILLAEEERLDLYGREVLIMHGDTLCTDDQGYLAFRAKVHTPWIQRLFLALPLFIRHRIAARMRADS
KAANSSKSMEIMDVNPQAVVDAMERHHVQWLIHGHTHRPAVHELQANGQPAWRVVLGAWHSEGSMVKVTPDDVELIHFPF
HHHHHH
;
_entity_poly.pdbx_strand_id   A
#
# COMPACT_ATOMS: atom_id res chain seq x y z
N ALA A 2 4.21 -17.93 -5.68
CA ALA A 2 3.13 -16.94 -5.50
C ALA A 2 3.75 -15.60 -5.11
N THR A 3 3.29 -14.54 -5.78
CA THR A 3 3.54 -13.17 -5.38
C THR A 3 2.34 -12.65 -4.58
N LEU A 4 2.60 -12.08 -3.40
CA LEU A 4 1.55 -11.56 -2.51
C LEU A 4 1.48 -10.04 -2.61
N PHE A 5 0.23 -9.53 -2.50
CA PHE A 5 -0.05 -8.12 -2.37
C PHE A 5 -0.99 -7.88 -1.18
N ILE A 6 -0.56 -7.01 -0.27
CA ILE A 6 -1.38 -6.55 0.83
C ILE A 6 -1.45 -5.02 0.75
N ALA A 7 -2.34 -4.41 1.54
CA ALA A 7 -2.45 -2.97 1.65
C ALA A 7 -3.34 -2.64 2.83
N ASP A 8 -3.29 -1.39 3.30
CA ASP A 8 -4.36 -0.87 4.15
C ASP A 8 -4.38 -1.55 5.50
N LEU A 9 -3.20 -1.87 6.02
CA LEU A 9 -3.09 -2.38 7.37
C LEU A 9 -3.34 -1.29 8.43
N HIS A 10 -3.09 -0.02 8.08
CA HIS A 10 -3.28 1.12 8.97
C HIS A 10 -2.76 0.84 10.38
N LEU A 11 -1.50 0.39 10.45
CA LEU A 11 -0.93 -0.09 11.71
C LEU A 11 -0.79 1.10 12.65
N GLN A 12 -1.01 0.86 13.95
CA GLN A 12 -0.92 1.89 14.97
C GLN A 12 -0.89 1.27 16.37
N THR A 13 -0.44 2.09 17.33
CA THR A 13 -0.24 1.66 18.70
C THR A 13 -1.58 1.29 19.31
N GLU A 14 -2.65 1.97 18.89
CA GLU A 14 -4.01 1.77 19.38
C GLU A 14 -4.58 0.40 18.99
N GLU A 15 -4.06 -0.23 17.92
CA GLU A 15 -4.63 -1.47 17.41
C GLU A 15 -3.55 -2.56 17.37
N PRO A 16 -3.08 -3.09 18.54
CA PRO A 16 -1.99 -4.08 18.55
C PRO A 16 -2.35 -5.49 18.06
N GLU A 17 -3.66 -5.74 17.89
CA GLU A 17 -4.16 -7.03 17.42
C GLU A 17 -3.89 -7.13 15.92
N ILE A 18 -4.03 -5.99 15.22
CA ILE A 18 -3.72 -5.92 13.80
C ILE A 18 -2.22 -6.15 13.60
N THR A 19 -1.41 -5.50 14.43
CA THR A 19 0.04 -5.67 14.44
C THR A 19 0.44 -7.16 14.59
N ALA A 20 0.00 -7.85 15.65
CA ALA A 20 0.25 -9.29 15.85
C ALA A 20 -0.27 -10.14 14.70
N GLY A 21 -1.41 -9.75 14.14
CA GLY A 21 -1.92 -10.39 12.94
C GLY A 21 -0.91 -10.26 11.82
N PHE A 22 -0.35 -9.06 11.66
CA PHE A 22 0.57 -8.78 10.56
C PHE A 22 1.88 -9.53 10.80
N LEU A 23 2.38 -9.53 12.04
CA LEU A 23 3.61 -10.26 12.35
C LEU A 23 3.44 -11.75 12.05
N ARG A 24 2.26 -12.31 12.34
CA ARG A 24 2.04 -13.73 12.11
C ARG A 24 2.06 -14.02 10.61
N PHE A 25 1.53 -13.08 9.81
CA PHE A 25 1.55 -13.19 8.36
C PHE A 25 2.97 -13.16 7.78
N LEU A 26 3.82 -12.25 8.31
CA LEU A 26 5.21 -12.11 7.86
C LEU A 26 6.04 -13.31 8.29
N GLN A 27 5.77 -13.80 9.50
CA GLN A 27 6.48 -14.96 10.00
C GLN A 27 6.08 -16.25 9.27
N GLY A 28 4.96 -16.24 8.54
CA GLY A 28 4.36 -17.48 8.07
C GLY A 28 4.13 -17.48 6.57
N GLU A 29 2.90 -17.15 6.18
CA GLU A 29 2.53 -17.00 4.78
C GLU A 29 3.62 -16.33 3.93
N ALA A 30 4.19 -15.21 4.42
CA ALA A 30 5.03 -14.37 3.57
C ALA A 30 6.33 -15.09 3.19
N ARG A 31 6.83 -15.96 4.08
CA ARG A 31 8.10 -16.66 3.86
C ARG A 31 8.06 -17.51 2.59
N GLN A 32 6.88 -18.09 2.28
CA GLN A 32 6.74 -19.05 1.20
C GLN A 32 6.55 -18.28 -0.11
N ALA A 33 6.40 -16.95 -0.04
CA ALA A 33 6.16 -16.17 -1.23
C ALA A 33 7.45 -15.94 -2.00
N ASP A 34 7.30 -15.65 -3.29
CA ASP A 34 8.40 -15.26 -4.17
C ASP A 34 8.77 -13.79 -3.88
N ALA A 35 7.76 -12.95 -3.57
CA ALA A 35 7.90 -11.53 -3.25
C ALA A 35 6.63 -11.03 -2.54
N LEU A 36 6.76 -9.95 -1.77
CA LEU A 36 5.62 -9.31 -1.12
C LEU A 36 5.57 -7.83 -1.49
N TYR A 37 4.43 -7.39 -2.04
CA TYR A 37 4.19 -5.98 -2.32
C TYR A 37 3.18 -5.42 -1.33
N ILE A 38 3.55 -4.32 -0.67
CA ILE A 38 2.66 -3.62 0.22
C ILE A 38 2.21 -2.35 -0.50
N LEU A 39 0.94 -2.31 -0.92
CA LEU A 39 0.45 -1.22 -1.76
C LEU A 39 -0.15 -0.08 -0.95
N GLY A 40 0.53 0.33 0.15
CA GLY A 40 0.29 1.60 0.80
C GLY A 40 -0.65 1.47 1.99
N ASP A 41 -0.65 2.49 2.85
CA ASP A 41 -1.36 2.51 4.12
C ASP A 41 -0.93 1.31 4.97
N LEU A 42 0.37 1.06 4.98
CA LEU A 42 0.92 0.17 5.98
C LEU A 42 0.73 0.79 7.35
N PHE A 43 0.88 2.13 7.42
CA PHE A 43 0.81 2.83 8.69
C PHE A 43 -0.34 3.82 8.66
N GLU A 44 -1.01 3.98 9.82
CA GLU A 44 -2.16 4.87 9.97
C GLU A 44 -1.73 6.34 9.77
N ALA A 45 -0.47 6.61 10.08
CA ALA A 45 0.10 7.94 9.99
C ALA A 45 1.61 7.83 9.95
N TRP A 46 2.25 8.82 9.37
CA TRP A 46 3.69 8.89 9.32
C TRP A 46 4.09 10.37 9.30
N ILE A 47 5.02 10.76 10.19
CA ILE A 47 5.51 12.13 10.22
C ILE A 47 7.01 12.19 9.95
N GLY A 48 7.63 11.08 9.52
CA GLY A 48 9.02 11.09 9.09
C GLY A 48 9.80 9.90 9.66
N ASP A 49 10.86 9.51 8.97
CA ASP A 49 11.62 8.30 9.32
C ASP A 49 12.37 8.44 10.63
N ASP A 50 12.41 9.65 11.22
CA ASP A 50 13.19 9.96 12.41
C ASP A 50 12.32 9.78 13.65
N ASP A 51 11.02 9.62 13.44
CA ASP A 51 10.09 9.26 14.50
C ASP A 51 10.66 8.06 15.27
N PRO A 52 10.83 8.14 16.62
CA PRO A 52 11.33 7.00 17.38
C PRO A 52 10.28 5.94 17.74
N ASN A 53 9.00 6.24 17.50
CA ASN A 53 7.87 5.34 17.76
C ASN A 53 8.36 3.89 17.69
N PRO A 54 8.28 3.10 18.80
CA PRO A 54 8.84 1.74 18.82
C PRO A 54 8.15 0.81 17.80
N LEU A 55 6.83 1.02 17.58
CA LEU A 55 6.10 0.27 16.56
C LEU A 55 6.83 0.32 15.23
N HIS A 56 7.39 1.49 14.87
CA HIS A 56 8.03 1.63 13.57
C HIS A 56 9.17 0.63 13.44
N GLN A 57 9.89 0.37 14.54
CA GLN A 57 11.06 -0.49 14.50
C GLN A 57 10.68 -1.97 14.63
N GLN A 58 9.70 -2.29 15.46
CA GLN A 58 9.13 -3.63 15.47
C GLN A 58 8.81 -4.05 14.03
N ILE A 59 7.98 -3.24 13.37
CA ILE A 59 7.55 -3.58 12.02
C ILE A 59 8.76 -3.73 11.11
N ALA A 60 9.62 -2.70 11.04
CA ALA A 60 10.76 -2.73 10.14
C ALA A 60 11.61 -3.97 10.40
N SER A 61 11.74 -4.33 11.67
CA SER A 61 12.44 -5.54 12.06
C SER A 61 11.77 -6.82 11.50
N ALA A 62 10.44 -6.97 11.69
CA ALA A 62 9.71 -8.12 11.16
C ALA A 62 9.82 -8.21 9.63
N ILE A 63 9.73 -7.06 8.95
CA ILE A 63 9.80 -7.05 7.49
C ILE A 63 11.20 -7.41 7.03
N LYS A 64 12.20 -6.96 7.79
CA LYS A 64 13.59 -7.10 7.36
C LYS A 64 13.94 -8.59 7.38
N ALA A 65 13.47 -9.29 8.42
CA ALA A 65 13.67 -10.72 8.56
C ALA A 65 13.10 -11.47 7.35
N VAL A 66 11.95 -11.03 6.82
CA VAL A 66 11.38 -11.59 5.61
C VAL A 66 12.29 -11.35 4.41
N VAL A 67 12.89 -10.15 4.31
CA VAL A 67 13.76 -9.83 3.18
C VAL A 67 15.03 -10.66 3.33
N ASP A 68 15.52 -10.76 4.58
CA ASP A 68 16.69 -11.55 4.94
C ASP A 68 16.43 -13.04 4.73
N ALA A 69 15.16 -13.43 4.58
CA ALA A 69 14.81 -14.81 4.30
C ALA A 69 14.90 -15.10 2.81
N GLY A 70 15.18 -14.08 1.98
CA GLY A 70 15.25 -14.29 0.54
C GLY A 70 13.97 -13.87 -0.18
N VAL A 71 13.01 -13.28 0.54
CA VAL A 71 11.74 -12.84 -0.02
C VAL A 71 11.74 -11.32 -0.17
N PRO A 72 11.88 -10.75 -1.39
CA PRO A 72 11.92 -9.29 -1.56
C PRO A 72 10.59 -8.59 -1.27
N CYS A 73 10.64 -7.57 -0.40
CA CYS A 73 9.47 -6.78 -0.03
C CYS A 73 9.53 -5.42 -0.72
N TYR A 74 8.38 -5.00 -1.27
CA TYR A 74 8.24 -3.73 -1.98
C TYR A 74 7.14 -2.90 -1.35
N PHE A 75 7.19 -1.59 -1.59
CA PHE A 75 6.26 -0.66 -0.99
C PHE A 75 5.88 0.38 -2.01
N ILE A 76 4.57 0.64 -2.12
CA ILE A 76 4.04 1.84 -2.75
C ILE A 76 3.37 2.64 -1.65
N HIS A 77 3.52 3.97 -1.72
CA HIS A 77 3.00 4.86 -0.70
C HIS A 77 1.49 4.89 -0.79
N GLY A 78 0.84 5.07 0.36
CA GLY A 78 -0.56 5.46 0.38
C GLY A 78 -0.71 6.92 0.78
N ASN A 79 -1.96 7.34 0.94
CA ASN A 79 -2.28 8.70 1.36
C ASN A 79 -1.89 8.91 2.83
N ARG A 80 -1.85 7.82 3.62
CA ARG A 80 -1.60 7.94 5.04
C ARG A 80 -0.10 8.03 5.30
N ASP A 81 0.71 7.33 4.49
CA ASP A 81 2.12 7.12 4.79
C ASP A 81 3.04 7.51 3.64
N PHE A 82 2.65 8.55 2.89
CA PHE A 82 3.49 9.05 1.79
C PHE A 82 4.86 9.56 2.26
N LEU A 83 5.04 9.82 3.56
CA LEU A 83 6.32 10.36 4.03
C LEU A 83 7.28 9.22 4.38
N VAL A 84 6.83 7.98 4.31
CA VAL A 84 7.79 6.89 4.48
C VAL A 84 8.91 7.11 3.47
N GLY A 85 10.16 6.99 3.94
CA GLY A 85 11.34 7.37 3.17
C GLY A 85 12.45 6.32 3.21
N GLN A 86 13.64 6.72 2.73
CA GLN A 86 14.73 5.81 2.40
C GLN A 86 15.37 5.21 3.65
N ARG A 87 15.24 5.90 4.77
CA ARG A 87 15.80 5.42 6.02
C ARG A 87 14.97 4.24 6.53
N PHE A 88 13.64 4.38 6.46
CA PHE A 88 12.73 3.29 6.79
C PHE A 88 12.94 2.12 5.84
N ALA A 89 13.17 2.40 4.55
CA ALA A 89 13.50 1.39 3.57
C ALA A 89 14.69 0.56 4.04
N ARG A 90 15.78 1.26 4.42
CA ARG A 90 17.01 0.64 4.87
C ARG A 90 16.76 -0.21 6.13
N GLN A 91 16.00 0.29 7.11
CA GLN A 91 15.73 -0.41 8.36
C GLN A 91 14.91 -1.69 8.14
N SER A 92 14.03 -1.67 7.12
CA SER A 92 13.05 -2.70 6.82
C SER A 92 13.50 -3.57 5.66
N GLY A 93 14.46 -3.09 4.87
CA GLY A 93 14.95 -3.84 3.72
C GLY A 93 13.99 -3.75 2.54
N MET A 94 12.93 -2.94 2.70
CA MET A 94 11.94 -2.72 1.65
C MET A 94 12.46 -1.71 0.63
N ILE A 95 12.23 -2.07 -0.64
CA ILE A 95 12.50 -1.23 -1.77
C ILE A 95 11.27 -0.34 -2.03
N LEU A 96 11.46 0.98 -2.13
CA LEU A 96 10.35 1.89 -2.42
C LEU A 96 10.14 1.91 -3.92
N LEU A 97 8.86 1.99 -4.33
CA LEU A 97 8.50 1.96 -5.73
C LEU A 97 7.67 3.19 -6.02
N ALA A 98 7.36 3.38 -7.30
CA ALA A 98 6.62 4.53 -7.78
C ALA A 98 5.12 4.29 -7.58
N GLU A 99 4.32 5.33 -7.80
CA GLU A 99 2.92 5.31 -7.38
C GLU A 99 2.11 4.36 -8.25
N GLU A 100 2.53 4.22 -9.52
CA GLU A 100 2.15 3.17 -10.44
C GLU A 100 3.40 2.37 -10.83
N GLU A 101 3.28 1.04 -10.79
CA GLU A 101 4.24 0.15 -11.41
C GLU A 101 3.47 -0.84 -12.29
N ARG A 102 4.15 -1.32 -13.34
CA ARG A 102 3.67 -2.40 -14.18
C ARG A 102 4.59 -3.58 -13.97
N LEU A 103 4.04 -4.67 -13.41
CA LEU A 103 4.82 -5.85 -13.16
C LEU A 103 4.63 -6.82 -14.31
N ASP A 104 5.60 -7.71 -14.46
CA ASP A 104 5.41 -8.94 -15.20
C ASP A 104 5.38 -10.05 -14.16
N LEU A 105 4.18 -10.58 -13.87
CA LEU A 105 4.06 -11.71 -12.94
C LEU A 105 3.90 -13.01 -13.74
N TYR A 106 4.98 -13.80 -13.72
CA TYR A 106 5.06 -15.08 -14.41
C TYR A 106 4.43 -14.97 -15.79
N GLY A 107 4.71 -13.90 -16.52
CA GLY A 107 4.23 -13.74 -17.88
C GLY A 107 3.01 -12.83 -17.97
N ARG A 108 2.36 -12.55 -16.83
CA ARG A 108 1.15 -11.72 -16.82
C ARG A 108 1.50 -10.28 -16.44
N GLU A 109 0.99 -9.32 -17.20
CA GLU A 109 1.31 -7.92 -17.00
C GLU A 109 0.27 -7.25 -16.11
N VAL A 110 0.67 -6.85 -14.89
CA VAL A 110 -0.25 -6.35 -13.87
C VAL A 110 0.13 -4.94 -13.43
N LEU A 111 -0.84 -4.03 -13.49
CA LEU A 111 -0.70 -2.69 -12.92
C LEU A 111 -1.03 -2.71 -11.42
N ILE A 112 -0.09 -2.22 -10.58
CA ILE A 112 -0.33 -1.99 -9.16
C ILE A 112 -0.26 -0.51 -8.83
N MET A 113 -1.13 -0.07 -7.92
CA MET A 113 -0.98 1.23 -7.26
C MET A 113 -1.67 1.18 -5.91
N HIS A 114 -1.65 2.29 -5.15
CA HIS A 114 -2.37 2.33 -3.89
C HIS A 114 -3.87 2.39 -4.17
N GLY A 115 -4.23 3.21 -5.15
CA GLY A 115 -5.61 3.29 -5.60
C GLY A 115 -6.20 4.68 -5.43
N ASP A 116 -5.56 5.53 -4.61
CA ASP A 116 -6.13 6.82 -4.30
C ASP A 116 -6.09 7.76 -5.51
N THR A 117 -5.13 7.57 -6.42
CA THR A 117 -5.08 8.41 -7.60
C THR A 117 -6.26 8.15 -8.54
N LEU A 118 -6.99 7.05 -8.33
CA LEU A 118 -8.13 6.69 -9.19
C LEU A 118 -9.41 7.37 -8.70
N CYS A 119 -9.40 7.89 -7.46
CA CYS A 119 -10.59 8.43 -6.83
C CYS A 119 -10.72 9.91 -7.20
N THR A 120 -10.87 10.16 -8.49
CA THR A 120 -10.75 11.51 -9.02
C THR A 120 -12.00 12.36 -8.79
N ASP A 121 -13.09 11.77 -8.26
CA ASP A 121 -14.30 12.54 -8.01
C ASP A 121 -14.23 13.20 -6.64
N ASP A 122 -13.14 12.97 -5.90
CA ASP A 122 -12.87 13.68 -4.67
C ASP A 122 -11.96 14.86 -4.98
N GLN A 123 -12.55 15.89 -5.60
CA GLN A 123 -11.93 17.18 -5.85
C GLN A 123 -10.92 17.53 -4.75
N GLY A 124 -11.38 17.48 -3.49
CA GLY A 124 -10.71 18.12 -2.38
C GLY A 124 -9.57 17.30 -1.82
N TYR A 125 -9.64 15.97 -1.97
CA TYR A 125 -8.49 15.14 -1.64
C TYR A 125 -7.38 15.38 -2.66
N LEU A 126 -7.74 15.62 -3.92
CA LEU A 126 -6.73 15.86 -4.95
C LEU A 126 -6.02 17.20 -4.70
N ALA A 127 -6.65 18.14 -3.98
CA ALA A 127 -5.97 19.35 -3.53
C ALA A 127 -4.88 18.94 -2.54
N PHE A 128 -5.31 18.30 -1.45
CA PHE A 128 -4.45 17.85 -0.38
C PHE A 128 -3.27 17.06 -0.93
N ARG A 129 -3.52 16.14 -1.87
CA ARG A 129 -2.48 15.26 -2.38
C ARG A 129 -1.48 16.04 -3.22
N ALA A 130 -1.99 16.91 -4.09
CA ALA A 130 -1.12 17.76 -4.89
C ALA A 130 -0.10 18.42 -3.95
N LYS A 131 -0.61 19.05 -2.88
CA LYS A 131 0.24 19.85 -2.01
C LYS A 131 1.23 18.97 -1.26
N VAL A 132 0.78 17.86 -0.64
CA VAL A 132 1.67 17.10 0.24
C VAL A 132 2.70 16.31 -0.60
N HIS A 133 2.57 16.31 -1.94
CA HIS A 133 3.52 15.67 -2.83
C HIS A 133 4.52 16.66 -3.45
N THR A 134 4.32 17.97 -3.28
CA THR A 134 5.34 18.94 -3.64
C THR A 134 6.58 18.79 -2.74
N PRO A 135 7.77 18.42 -3.28
CA PRO A 135 8.95 18.18 -2.44
C PRO A 135 9.16 19.23 -1.35
N TRP A 136 9.13 20.50 -1.75
CA TRP A 136 9.52 21.56 -0.84
C TRP A 136 8.50 21.71 0.29
N ILE A 137 7.25 21.26 0.06
CA ILE A 137 6.30 21.22 1.16
C ILE A 137 6.65 20.04 2.09
N GLN A 138 7.17 18.94 1.53
CA GLN A 138 7.59 17.80 2.34
C GLN A 138 8.79 18.17 3.21
N ARG A 139 9.81 18.76 2.57
CA ARG A 139 11.09 19.09 3.19
C ARG A 139 10.90 20.10 4.31
N LEU A 140 10.02 21.07 4.05
CA LEU A 140 9.59 22.02 5.05
C LEU A 140 8.99 21.32 6.28
N PHE A 141 8.09 20.37 6.01
CA PHE A 141 7.37 19.73 7.08
C PHE A 141 8.35 18.93 7.93
N LEU A 142 9.31 18.29 7.24
CA LEU A 142 10.18 17.32 7.86
C LEU A 142 11.26 18.03 8.68
N ALA A 143 11.63 19.26 8.31
CA ALA A 143 12.65 20.02 9.00
C ALA A 143 12.07 20.71 10.25
N LEU A 144 10.75 20.71 10.42
CA LEU A 144 10.20 21.05 11.71
C LEU A 144 10.76 20.08 12.75
N PRO A 145 10.58 20.38 14.06
CA PRO A 145 10.89 19.42 15.11
C PRO A 145 9.70 18.51 15.43
N LEU A 146 10.05 17.25 15.74
CA LEU A 146 9.11 16.16 15.84
C LEU A 146 7.88 16.56 16.64
N PHE A 147 8.10 17.31 17.75
CA PHE A 147 7.07 17.60 18.72
C PHE A 147 5.99 18.49 18.09
N ILE A 148 6.43 19.34 17.16
CA ILE A 148 5.56 20.18 16.34
C ILE A 148 4.92 19.37 15.21
N ARG A 149 5.65 18.43 14.60
CA ARG A 149 5.03 17.53 13.64
C ARG A 149 3.87 16.76 14.30
N HIS A 150 4.08 16.27 15.54
CA HIS A 150 3.04 15.56 16.27
C HIS A 150 1.84 16.46 16.52
N ARG A 151 2.10 17.72 16.90
CA ARG A 151 1.01 18.62 17.19
C ARG A 151 0.28 18.95 15.89
N ILE A 152 1.02 19.10 14.77
CA ILE A 152 0.36 19.39 13.50
C ILE A 152 -0.53 18.22 13.12
N ALA A 153 -0.03 16.99 13.32
CA ALA A 153 -0.77 15.78 12.98
C ALA A 153 -2.07 15.67 13.81
N ALA A 154 -1.96 15.81 15.13
CA ALA A 154 -3.10 15.59 16.02
C ALA A 154 -4.15 16.69 15.80
N ARG A 155 -3.69 17.91 15.50
CA ARG A 155 -4.59 19.03 15.22
C ARG A 155 -5.38 18.80 13.94
N MET A 156 -4.89 17.86 13.10
CA MET A 156 -5.47 17.55 11.81
C MET A 156 -6.71 16.66 11.97
N ARG A 157 -6.99 16.18 13.19
CA ARG A 157 -8.16 15.36 13.45
C ARG A 157 -9.41 16.22 13.63
N GLU A 170 -15.76 7.97 5.55
CA GLU A 170 -16.27 7.26 4.34
C GLU A 170 -15.41 7.62 3.14
N ILE A 171 -14.77 6.60 2.57
CA ILE A 171 -13.75 6.77 1.54
C ILE A 171 -14.40 6.70 0.16
N MET A 172 -14.26 7.80 -0.60
CA MET A 172 -14.70 7.89 -1.99
C MET A 172 -14.11 6.73 -2.79
N ASP A 173 -14.96 5.99 -3.53
CA ASP A 173 -14.56 4.87 -4.37
C ASP A 173 -13.96 5.39 -5.68
N VAL A 174 -13.31 4.49 -6.45
CA VAL A 174 -12.68 4.80 -7.73
C VAL A 174 -13.70 5.41 -8.69
N ASN A 175 -13.27 6.41 -9.45
CA ASN A 175 -13.94 6.83 -10.67
C ASN A 175 -13.74 5.72 -11.71
N PRO A 176 -14.82 5.10 -12.28
CA PRO A 176 -14.67 4.05 -13.27
C PRO A 176 -13.81 4.38 -14.50
N GLN A 177 -13.89 5.62 -15.01
CA GLN A 177 -13.15 6.04 -16.21
C GLN A 177 -11.65 6.11 -15.93
N ALA A 178 -11.27 6.70 -14.77
CA ALA A 178 -9.87 6.78 -14.38
C ALA A 178 -9.27 5.37 -14.32
N VAL A 179 -10.08 4.38 -13.91
CA VAL A 179 -9.63 2.98 -13.91
C VAL A 179 -9.28 2.56 -15.34
N VAL A 180 -10.19 2.80 -16.29
CA VAL A 180 -9.97 2.38 -17.65
C VAL A 180 -8.69 3.06 -18.19
N ASP A 181 -8.68 4.40 -18.13
CA ASP A 181 -7.57 5.23 -18.59
C ASP A 181 -6.25 4.69 -18.06
N ALA A 182 -6.20 4.33 -16.77
CA ALA A 182 -4.97 3.81 -16.18
C ALA A 182 -4.55 2.46 -16.76
N MET A 183 -5.54 1.60 -17.01
CA MET A 183 -5.24 0.27 -17.52
C MET A 183 -4.88 0.37 -19.01
N GLU A 184 -5.42 1.40 -19.68
CA GLU A 184 -5.16 1.65 -21.08
C GLU A 184 -3.79 2.32 -21.23
N ARG A 185 -3.48 3.32 -20.39
CA ARG A 185 -2.16 3.93 -20.41
C ARG A 185 -1.08 2.85 -20.28
N HIS A 186 -1.36 1.80 -19.50
CA HIS A 186 -0.36 0.76 -19.28
C HIS A 186 -0.51 -0.46 -20.21
N HIS A 187 -1.56 -0.46 -21.06
CA HIS A 187 -1.94 -1.61 -21.88
C HIS A 187 -1.96 -2.88 -21.03
N VAL A 188 -2.79 -2.90 -19.98
CA VAL A 188 -2.90 -4.09 -19.14
C VAL A 188 -4.36 -4.53 -19.01
N GLN A 189 -4.54 -5.81 -18.64
CA GLN A 189 -5.85 -6.40 -18.41
C GLN A 189 -5.99 -6.78 -16.94
N TRP A 190 -5.01 -6.38 -16.11
CA TRP A 190 -4.97 -6.69 -14.71
C TRP A 190 -4.53 -5.45 -13.92
N LEU A 191 -5.29 -5.13 -12.86
CA LEU A 191 -4.99 -4.06 -11.91
C LEU A 191 -5.20 -4.57 -10.49
N ILE A 192 -4.26 -4.26 -9.59
CA ILE A 192 -4.41 -4.52 -8.17
C ILE A 192 -4.20 -3.23 -7.40
N HIS A 193 -5.11 -2.89 -6.48
CA HIS A 193 -4.97 -1.69 -5.67
C HIS A 193 -5.72 -1.86 -4.36
N GLY A 194 -5.46 -0.96 -3.41
CA GLY A 194 -6.23 -0.92 -2.19
C GLY A 194 -6.99 0.40 -2.07
N HIS A 195 -6.79 1.03 -0.91
CA HIS A 195 -7.22 2.40 -0.62
C HIS A 195 -8.73 2.52 -0.39
N THR A 196 -9.55 1.93 -1.26
CA THR A 196 -11.00 2.12 -1.17
C THR A 196 -11.62 1.30 -0.03
N HIS A 197 -10.91 0.27 0.44
CA HIS A 197 -11.34 -0.56 1.57
C HIS A 197 -12.56 -1.44 1.22
N ARG A 198 -12.85 -1.61 -0.08
CA ARG A 198 -13.95 -2.46 -0.54
C ARG A 198 -13.40 -3.64 -1.32
N PRO A 199 -12.95 -4.70 -0.62
CA PRO A 199 -12.37 -5.87 -1.27
C PRO A 199 -13.37 -6.59 -2.17
N ALA A 200 -12.90 -6.95 -3.38
CA ALA A 200 -13.74 -7.36 -4.50
C ALA A 200 -12.89 -7.66 -5.73
N VAL A 201 -13.43 -8.46 -6.64
CA VAL A 201 -12.93 -8.58 -8.00
C VAL A 201 -13.98 -7.91 -8.90
N HIS A 202 -13.52 -7.04 -9.79
CA HIS A 202 -14.40 -6.35 -10.71
C HIS A 202 -14.01 -6.74 -12.12
N GLU A 203 -15.00 -6.87 -13.01
CA GLU A 203 -14.74 -7.09 -14.41
C GLU A 203 -14.96 -5.77 -15.13
N LEU A 204 -14.19 -5.53 -16.21
CA LEU A 204 -14.43 -4.35 -17.04
C LEU A 204 -13.84 -4.59 -18.43
N GLN A 205 -14.02 -3.58 -19.28
CA GLN A 205 -13.43 -3.55 -20.61
C GLN A 205 -12.30 -2.53 -20.62
N ALA A 206 -11.11 -2.99 -21.00
CA ALA A 206 -9.99 -2.10 -21.18
C ALA A 206 -9.10 -2.61 -22.31
N ASN A 207 -8.79 -1.72 -23.25
CA ASN A 207 -7.98 -2.08 -24.40
C ASN A 207 -8.82 -2.99 -25.31
N GLY A 208 -10.15 -2.79 -25.27
CA GLY A 208 -11.12 -3.58 -26.00
C GLY A 208 -11.07 -5.08 -25.69
N GLN A 209 -10.70 -5.44 -24.46
CA GLN A 209 -10.68 -6.81 -23.98
C GLN A 209 -11.23 -6.90 -22.56
N PRO A 210 -11.63 -8.10 -22.09
CA PRO A 210 -11.96 -8.28 -20.66
C PRO A 210 -10.77 -7.85 -19.81
N ALA A 211 -11.04 -7.03 -18.79
CA ALA A 211 -10.03 -6.74 -17.79
C ALA A 211 -10.64 -6.91 -16.40
N TRP A 212 -9.74 -7.11 -15.42
CA TRP A 212 -10.08 -7.32 -14.02
C TRP A 212 -9.35 -6.31 -13.12
N ARG A 213 -10.10 -5.80 -12.14
CA ARG A 213 -9.57 -4.96 -11.10
C ARG A 213 -9.75 -5.65 -9.77
N VAL A 214 -8.66 -6.15 -9.18
CA VAL A 214 -8.72 -6.82 -7.90
C VAL A 214 -8.38 -5.83 -6.79
N VAL A 215 -9.33 -5.68 -5.85
CA VAL A 215 -9.24 -4.71 -4.78
C VAL A 215 -8.99 -5.42 -3.45
N LEU A 216 -7.92 -5.00 -2.76
CA LEU A 216 -7.58 -5.45 -1.42
C LEU A 216 -8.43 -4.75 -0.35
N GLY A 217 -8.58 -5.42 0.80
CA GLY A 217 -9.35 -4.85 1.90
C GLY A 217 -8.43 -4.30 2.99
N ALA A 218 -9.03 -3.48 3.87
CA ALA A 218 -8.35 -3.05 5.09
C ALA A 218 -8.25 -4.17 6.12
N TRP A 219 -7.27 -4.06 7.01
CA TRP A 219 -7.03 -5.04 8.04
C TRP A 219 -7.69 -4.56 9.32
N HIS A 220 -8.79 -5.19 9.73
CA HIS A 220 -9.41 -4.83 10.99
C HIS A 220 -9.65 -6.10 11.81
N SER A 221 -10.80 -6.75 11.59
CA SER A 221 -11.01 -8.10 12.07
C SER A 221 -10.30 -9.09 11.13
N GLU A 222 -10.41 -8.86 9.81
CA GLU A 222 -9.74 -9.72 8.85
C GLU A 222 -8.42 -9.12 8.39
N GLY A 223 -7.57 -9.96 7.82
CA GLY A 223 -6.55 -9.54 6.87
C GLY A 223 -6.97 -9.95 5.48
N SER A 224 -6.29 -9.42 4.46
CA SER A 224 -6.53 -9.84 3.09
C SER A 224 -5.25 -9.74 2.28
N MET A 225 -5.23 -10.48 1.18
CA MET A 225 -4.11 -10.50 0.26
C MET A 225 -4.59 -10.91 -1.13
N VAL A 226 -3.78 -10.59 -2.12
CA VAL A 226 -3.97 -11.06 -3.49
C VAL A 226 -2.78 -11.93 -3.77
N LYS A 227 -3.05 -13.13 -4.29
CA LYS A 227 -2.04 -14.13 -4.56
C LYS A 227 -2.02 -14.38 -6.07
N VAL A 228 -0.86 -14.14 -6.67
CA VAL A 228 -0.72 -14.24 -8.12
C VAL A 228 0.26 -15.37 -8.40
N THR A 229 -0.20 -16.28 -9.27
CA THR A 229 0.49 -17.51 -9.65
C THR A 229 0.59 -17.48 -11.17
N PRO A 230 1.37 -18.39 -11.81
CA PRO A 230 1.38 -18.47 -13.26
C PRO A 230 -0.03 -18.54 -13.83
N ASP A 231 -0.93 -19.30 -13.18
CA ASP A 231 -2.25 -19.59 -13.72
C ASP A 231 -3.37 -18.73 -13.11
N ASP A 232 -3.27 -18.33 -11.82
CA ASP A 232 -4.40 -17.71 -11.12
C ASP A 232 -4.06 -16.39 -10.41
N VAL A 233 -5.11 -15.57 -10.25
CA VAL A 233 -5.13 -14.39 -9.40
C VAL A 233 -6.32 -14.56 -8.44
N GLU A 234 -6.00 -14.77 -7.15
CA GLU A 234 -7.00 -14.93 -6.10
C GLU A 234 -6.97 -13.73 -5.14
N LEU A 235 -8.14 -13.23 -4.71
CA LEU A 235 -8.25 -12.35 -3.57
C LEU A 235 -8.67 -13.18 -2.36
N ILE A 236 -7.93 -13.11 -1.26
CA ILE A 236 -8.16 -13.99 -0.12
C ILE A 236 -8.43 -13.12 1.11
N HIS A 237 -9.51 -13.43 1.84
CA HIS A 237 -9.73 -12.91 3.18
C HIS A 237 -9.36 -14.01 4.17
N PHE A 238 -8.66 -13.64 5.24
CA PHE A 238 -8.44 -14.52 6.37
C PHE A 238 -8.88 -13.81 7.65
N PRO A 239 -9.45 -14.52 8.64
CA PRO A 239 -9.64 -13.93 9.95
C PRO A 239 -8.31 -14.06 10.69
N PHE A 240 -8.19 -13.46 11.87
CA PHE A 240 -7.01 -13.63 12.71
C PHE A 240 -7.19 -14.82 13.67
#